data_4JLG
#
_entry.id   4JLG
#
_cell.length_a   46.742
_cell.length_b   57.984
_cell.length_c   64.932
_cell.angle_alpha   83.330
_cell.angle_beta   71.420
_cell.angle_gamma   70.930
#
_symmetry.space_group_name_H-M   'P 1'
#
loop_
_entity.id
_entity.type
_entity.pdbx_description
1 polymer 'Histone-lysine N-methyltransferase SETD7'
2 non-polymer S-ADENOSYLMETHIONINE
3 non-polymer 8-fluoro-N-{(2R)-1-oxo-1-(pyrrolidin-1-yl)-3-[3-(trifluoromethyl)phenyl]propan-2-yl}-1,2,3,4-tetrahydroisoquinoline-6-sulfonamide
4 non-polymer 'UNKNOWN ATOM OR ION'
5 water water
#
_entity_poly.entity_id   1
_entity_poly.type   'polypeptide(L)'
_entity_poly.pdbx_seq_one_letter_code
;QYKDNIRHGVCWIYYPDGGSLVGEVNEDGEMTGEKIAYVYPDERTALYGKFIDGEMIEGKLATLMSTEEGRPHFELMPGN
SVYHFDKSTSSCISTNALLPDPYESERVYVAESLISSAGEGLFSKVAVGPNTVMSFYNGVRITHQEVDSRDWALNGNTLS
LDEETVIDVPEPYNHVSKYCASLGHKANHSFTPNCIYDMFVHPRFGPIKCIRTLRAVEADEELTVAYGYDHSPPGKSGPE
APEWYQVELKAFQATQQKHHHHHH
;
_entity_poly.pdbx_strand_id   A,B
#
loop_
_chem_comp.id
_chem_comp.type
_chem_comp.name
_chem_comp.formula
1L8 non-polymer 8-fluoro-N-{(2R)-1-oxo-1-(pyrrolidin-1-yl)-3-[3-(trifluoromethyl)phenyl]propan-2-yl}-1,2,3,4-tetrahydroisoquinoline-6-sulfonamide 'C23 H25 F4 N3 O3 S'
SAM non-polymer S-ADENOSYLMETHIONINE 'C15 H22 N6 O5 S'
UNX non-polymer 'UNKNOWN ATOM OR ION' ?
#
# COMPACT_ATOMS: atom_id res chain seq x y z
N GLY A 9 -53.37 -8.62 8.37
CA GLY A 9 -52.74 -7.42 7.73
C GLY A 9 -51.25 -7.60 7.53
N VAL A 10 -50.58 -6.56 7.04
CA VAL A 10 -49.13 -6.61 6.74
C VAL A 10 -48.54 -5.23 7.00
N CYS A 11 -47.35 -5.19 7.62
N CYS A 11 -47.35 -5.20 7.61
CA CYS A 11 -46.65 -3.94 7.90
CA CYS A 11 -46.64 -3.95 7.89
C CYS A 11 -45.40 -3.80 7.04
C CYS A 11 -45.40 -3.82 7.00
N TRP A 12 -45.15 -2.58 6.57
CA TRP A 12 -43.93 -2.24 5.86
C TRP A 12 -43.25 -1.18 6.71
N ILE A 13 -41.96 -1.37 6.97
CA ILE A 13 -41.17 -0.37 7.70
C ILE A 13 -40.04 0.05 6.78
N TYR A 14 -40.07 1.29 6.29
CA TYR A 14 -39.03 1.79 5.41
C TYR A 14 -37.96 2.57 6.16
N TYR A 15 -36.70 2.23 5.87
CA TYR A 15 -35.55 2.97 6.39
C TYR A 15 -35.31 4.17 5.50
N PRO A 16 -34.62 5.21 6.02
CA PRO A 16 -34.33 6.38 5.18
C PRO A 16 -33.57 6.03 3.90
N ASP A 17 -32.72 5.01 3.96
CA ASP A 17 -31.94 4.57 2.80
C ASP A 17 -32.72 3.93 1.65
N GLY A 18 -33.98 3.57 1.89
CA GLY A 18 -34.79 3.01 0.83
C GLY A 18 -35.14 1.55 1.01
N GLY A 19 -34.37 0.86 1.86
CA GLY A 19 -34.66 -0.53 2.22
C GLY A 19 -35.86 -0.62 3.15
N SER A 20 -36.41 -1.82 3.29
CA SER A 20 -37.60 -1.98 4.11
C SER A 20 -37.67 -3.37 4.72
N LEU A 21 -38.43 -3.47 5.79
CA LEU A 21 -38.82 -4.74 6.35
C LEU A 21 -40.32 -4.89 6.15
N VAL A 22 -40.75 -6.07 5.69
CA VAL A 22 -42.16 -6.31 5.45
C VAL A 22 -42.62 -7.69 5.94
N GLY A 23 -43.77 -7.70 6.62
CA GLY A 23 -44.44 -8.94 7.03
C GLY A 23 -45.60 -8.72 7.97
N GLU A 24 -46.25 -9.82 8.35
CA GLU A 24 -47.26 -9.78 9.40
C GLU A 24 -46.57 -9.70 10.74
N VAL A 25 -47.00 -8.75 11.56
CA VAL A 25 -46.55 -8.66 12.94
C VAL A 25 -47.22 -9.75 13.76
N ASN A 26 -46.55 -10.22 14.82
CA ASN A 26 -47.11 -11.27 15.67
C ASN A 26 -48.11 -10.71 16.69
N GLU A 27 -48.48 -11.52 17.68
CA GLU A 27 -49.43 -11.14 18.72
C GLU A 27 -49.02 -9.92 19.55
N ASP A 28 -47.75 -9.53 19.46
CA ASP A 28 -47.21 -8.42 20.25
C ASP A 28 -46.76 -7.21 19.41
N GLY A 29 -47.08 -7.24 18.12
CA GLY A 29 -46.71 -6.15 17.20
C GLY A 29 -45.26 -6.18 16.76
N GLU A 30 -44.64 -7.36 16.87
CA GLU A 30 -43.23 -7.51 16.52
C GLU A 30 -43.06 -8.23 15.18
N MET A 31 -42.06 -7.80 14.41
CA MET A 31 -41.67 -8.48 13.19
C MET A 31 -40.96 -9.80 13.54
N THR A 32 -41.78 -10.79 13.89
CA THR A 32 -41.29 -12.11 14.28
C THR A 32 -42.14 -13.17 13.58
N GLY A 33 -41.48 -14.14 12.97
CA GLY A 33 -42.14 -15.18 12.19
C GLY A 33 -41.26 -15.77 11.12
N GLU A 34 -41.86 -16.59 10.26
CA GLU A 34 -41.14 -17.37 9.25
C GLU A 34 -41.35 -16.82 7.85
N LYS A 35 -42.17 -15.77 7.74
CA LYS A 35 -42.55 -15.25 6.42
C LYS A 35 -42.32 -13.75 6.32
N ILE A 36 -41.26 -13.28 6.95
CA ILE A 36 -40.87 -11.86 6.94
C ILE A 36 -39.75 -11.67 5.93
N ALA A 37 -39.62 -10.45 5.38
CA ALA A 37 -38.59 -10.17 4.40
C ALA A 37 -37.93 -8.80 4.58
N TYR A 38 -36.63 -8.76 4.31
CA TYR A 38 -35.98 -7.48 4.08
C TYR A 38 -35.99 -7.29 2.58
N VAL A 39 -36.36 -6.10 2.14
CA VAL A 39 -36.35 -5.79 0.72
C VAL A 39 -35.36 -4.65 0.49
N TYR A 40 -34.41 -4.88 -0.42
CA TYR A 40 -33.42 -3.84 -0.77
C TYR A 40 -34.09 -2.62 -1.41
N PRO A 41 -33.32 -1.51 -1.57
CA PRO A 41 -33.89 -0.26 -2.08
C PRO A 41 -34.38 -0.35 -3.55
N ASP A 42 -34.03 -1.41 -4.25
CA ASP A 42 -34.57 -1.61 -5.61
C ASP A 42 -36.03 -2.09 -5.59
N GLU A 43 -36.52 -2.39 -4.39
CA GLU A 43 -37.90 -2.84 -4.17
C GLU A 43 -38.21 -4.13 -4.91
N ARG A 44 -37.17 -4.93 -5.17
CA ARG A 44 -37.32 -6.19 -5.94
C ARG A 44 -36.53 -7.33 -5.31
N THR A 45 -35.29 -7.04 -4.92
CA THR A 45 -34.40 -8.04 -4.34
C THR A 45 -34.69 -8.16 -2.85
N ALA A 46 -34.88 -9.38 -2.37
CA ALA A 46 -35.34 -9.57 -1.00
C ALA A 46 -34.62 -10.70 -0.26
N LEU A 47 -34.61 -10.58 1.07
CA LEU A 47 -34.13 -11.64 1.94
C LEU A 47 -35.34 -12.12 2.76
N TYR A 48 -35.81 -13.32 2.44
CA TYR A 48 -37.09 -13.82 2.94
C TYR A 48 -36.93 -14.99 3.88
N GLY A 49 -37.60 -14.92 5.03
CA GLY A 49 -37.59 -16.03 5.96
C GLY A 49 -37.82 -15.71 7.42
N LYS A 50 -37.02 -16.34 8.27
CA LYS A 50 -37.16 -16.26 9.73
C LYS A 50 -36.50 -15.01 10.29
N PHE A 51 -37.33 -14.15 10.88
CA PHE A 51 -36.88 -12.96 11.58
C PHE A 51 -37.37 -13.00 13.02
N ILE A 52 -36.60 -12.42 13.93
CA ILE A 52 -37.05 -12.25 15.31
C ILE A 52 -36.88 -10.79 15.72
N ASP A 53 -38.00 -10.15 16.05
CA ASP A 53 -38.06 -8.72 16.37
C ASP A 53 -37.29 -7.85 15.37
N GLY A 54 -37.53 -8.11 14.08
CA GLY A 54 -36.91 -7.36 12.99
C GLY A 54 -35.50 -7.78 12.61
N GLU A 55 -34.95 -8.73 13.37
CA GLU A 55 -33.58 -9.18 13.16
C GLU A 55 -33.58 -10.45 12.32
N MET A 56 -32.80 -10.43 11.25
CA MET A 56 -32.75 -11.53 10.30
C MET A 56 -32.04 -12.73 10.92
N ILE A 57 -32.76 -13.84 11.02
CA ILE A 57 -32.17 -15.10 11.52
C ILE A 57 -31.79 -16.05 10.37
N GLU A 58 -32.71 -16.24 9.44
CA GLU A 58 -32.46 -17.06 8.25
CA GLU A 58 -32.46 -17.04 8.23
C GLU A 58 -33.20 -16.44 7.07
N GLY A 59 -32.52 -15.56 6.33
CA GLY A 59 -33.08 -14.94 5.14
C GLY A 59 -32.51 -15.55 3.88
N LYS A 60 -33.38 -16.07 3.01
CA LYS A 60 -32.98 -16.61 1.71
C LYS A 60 -33.22 -15.57 0.61
N LEU A 61 -32.38 -15.59 -0.41
CA LEU A 61 -32.55 -14.69 -1.55
C LEU A 61 -33.90 -14.94 -2.23
N ALA A 62 -34.63 -13.87 -2.44
CA ALA A 62 -35.95 -13.93 -3.05
C ALA A 62 -36.17 -12.74 -3.97
N THR A 63 -37.20 -12.84 -4.81
CA THR A 63 -37.62 -11.72 -5.64
C THR A 63 -39.03 -11.29 -5.28
N LEU A 64 -39.22 -10.01 -5.04
CA LEU A 64 -40.55 -9.46 -4.84
C LEU A 64 -41.21 -9.38 -6.20
N MET A 65 -42.14 -10.31 -6.45
CA MET A 65 -42.76 -10.44 -7.76
C MET A 65 -43.89 -9.44 -7.98
N SER A 66 -44.70 -9.24 -6.95
CA SER A 66 -45.86 -8.35 -7.03
C SER A 66 -46.36 -7.94 -5.65
N THR A 67 -47.13 -6.87 -5.60
CA THR A 67 -47.77 -6.43 -4.38
C THR A 67 -49.25 -6.18 -4.67
N GLU A 68 -50.10 -6.81 -3.86
CA GLU A 68 -51.55 -6.64 -3.95
C GLU A 68 -52.07 -6.10 -2.63
N GLU A 69 -52.51 -4.83 -2.65
CA GLU A 69 -53.02 -4.15 -1.46
C GLU A 69 -52.08 -4.30 -0.26
N GLY A 70 -50.79 -4.01 -0.49
CA GLY A 70 -49.78 -4.11 0.57
C GLY A 70 -49.27 -5.51 0.88
N ARG A 71 -49.94 -6.54 0.35
CA ARG A 71 -49.48 -7.91 0.56
C ARG A 71 -48.48 -8.31 -0.52
N PRO A 72 -47.23 -8.58 -0.11
CA PRO A 72 -46.19 -8.92 -1.09
C PRO A 72 -46.26 -10.40 -1.48
N HIS A 73 -45.86 -10.70 -2.71
CA HIS A 73 -45.68 -12.09 -3.14
C HIS A 73 -44.23 -12.32 -3.54
N PHE A 74 -43.56 -13.21 -2.82
CA PHE A 74 -42.15 -13.49 -3.08
C PHE A 74 -41.96 -14.84 -3.77
N GLU A 75 -40.93 -14.92 -4.62
CA GLU A 75 -40.44 -16.20 -5.13
C GLU A 75 -38.99 -16.37 -4.71
N LEU A 76 -38.70 -17.50 -4.05
CA LEU A 76 -37.33 -17.83 -3.63
C LEU A 76 -36.45 -18.15 -4.81
N MET A 77 -35.20 -17.66 -4.77
CA MET A 77 -34.22 -18.00 -5.78
C MET A 77 -33.69 -19.42 -5.52
N PRO A 78 -33.37 -20.17 -6.58
CA PRO A 78 -32.78 -21.50 -6.41
C PRO A 78 -31.43 -21.45 -5.69
N GLY A 79 -31.13 -22.46 -4.88
CA GLY A 79 -29.88 -22.49 -4.13
C GLY A 79 -30.05 -22.56 -2.62
N ASN A 80 -28.94 -22.40 -1.90
CA ASN A 80 -28.93 -22.58 -0.44
C ASN A 80 -28.29 -21.43 0.35
N SER A 81 -28.03 -20.32 -0.32
CA SER A 81 -27.43 -19.16 0.35
CA SER A 81 -27.43 -19.20 0.39
C SER A 81 -28.39 -18.59 1.40
N VAL A 82 -28.02 -18.72 2.68
CA VAL A 82 -28.83 -18.13 3.75
C VAL A 82 -28.02 -17.03 4.43
N TYR A 83 -28.69 -15.94 4.78
CA TYR A 83 -28.04 -14.79 5.39
C TYR A 83 -28.61 -14.55 6.78
N HIS A 84 -27.78 -14.02 7.67
CA HIS A 84 -28.22 -13.67 9.02
C HIS A 84 -27.59 -12.36 9.47
N PHE A 85 -28.24 -11.71 10.42
CA PHE A 85 -27.65 -10.56 11.07
C PHE A 85 -26.28 -10.97 11.62
N ASP A 86 -25.26 -10.25 11.16
CA ASP A 86 -23.87 -10.66 11.37
C ASP A 86 -22.98 -9.41 11.47
N LYS A 87 -23.33 -8.50 12.36
CA LYS A 87 -22.60 -7.25 12.53
C LYS A 87 -21.14 -7.49 12.93
N SER A 88 -20.25 -6.77 12.28
CA SER A 88 -18.83 -6.92 12.56
C SER A 88 -18.50 -6.51 13.99
N THR A 89 -17.33 -6.94 14.46
CA THR A 89 -16.81 -6.52 15.75
C THR A 89 -15.49 -5.78 15.49
N SER A 90 -14.73 -5.51 16.55
CA SER A 90 -13.40 -4.89 16.38
C SER A 90 -12.41 -5.85 15.71
N SER A 91 -12.69 -7.15 15.76
CA SER A 91 -11.76 -8.16 15.24
C SER A 91 -12.30 -8.98 14.06
N CYS A 92 -13.62 -9.17 14.04
CA CYS A 92 -14.24 -10.02 13.05
C CYS A 92 -15.04 -9.20 12.03
N ILE A 93 -14.66 -9.30 10.76
CA ILE A 93 -15.31 -8.53 9.68
C ILE A 93 -16.64 -9.18 9.23
N SER A 94 -16.69 -10.50 9.33
CA SER A 94 -17.85 -11.27 8.90
C SER A 94 -17.67 -12.71 9.33
N THR A 95 -18.77 -13.39 9.63
CA THR A 95 -18.78 -14.84 9.87
C THR A 95 -18.58 -15.59 8.54
N ASN A 96 -18.93 -14.92 7.43
CA ASN A 96 -18.89 -15.52 6.10
C ASN A 96 -18.25 -14.56 5.10
N ALA A 97 -16.92 -14.46 5.13
CA ALA A 97 -16.19 -13.42 4.41
C ALA A 97 -16.29 -13.52 2.90
N LEU A 98 -16.53 -14.74 2.41
CA LEU A 98 -16.61 -15.01 0.99
C LEU A 98 -18.05 -15.13 0.47
N LEU A 99 -19.03 -14.83 1.32
CA LEU A 99 -20.42 -14.83 0.89
C LEU A 99 -20.83 -13.44 0.46
N PRO A 100 -20.97 -13.22 -0.88
CA PRO A 100 -21.22 -11.88 -1.40
C PRO A 100 -22.60 -11.37 -1.05
N ASP A 101 -22.77 -10.06 -1.07
CA ASP A 101 -24.09 -9.49 -0.94
C ASP A 101 -24.80 -9.58 -2.32
N PRO A 102 -26.00 -10.19 -2.37
CA PRO A 102 -26.64 -10.46 -3.65
C PRO A 102 -27.08 -9.21 -4.44
N TYR A 103 -27.50 -8.17 -3.73
CA TYR A 103 -27.89 -6.90 -4.37
C TYR A 103 -26.67 -6.22 -4.99
N GLU A 104 -25.59 -6.19 -4.23
CA GLU A 104 -24.32 -5.64 -4.67
C GLU A 104 -23.76 -6.42 -5.86
N SER A 105 -23.91 -7.75 -5.83
CA SER A 105 -23.39 -8.62 -6.88
C SER A 105 -23.95 -8.30 -8.26
N GLU A 106 -25.16 -7.75 -8.30
CA GLU A 106 -25.81 -7.45 -9.57
C GLU A 106 -25.52 -6.04 -10.08
N ARG A 107 -24.86 -5.23 -9.25
CA ARG A 107 -24.63 -3.82 -9.62
C ARG A 107 -23.17 -3.43 -9.80
N VAL A 108 -22.27 -4.08 -9.09
CA VAL A 108 -20.86 -3.67 -9.16
C VAL A 108 -19.90 -4.85 -9.31
N TYR A 109 -18.71 -4.58 -9.84
CA TYR A 109 -17.63 -5.56 -9.87
C TYR A 109 -16.28 -4.86 -9.66
N VAL A 110 -15.29 -5.64 -9.25
CA VAL A 110 -13.95 -5.13 -8.97
C VAL A 110 -13.01 -5.44 -10.13
N ALA A 111 -12.38 -4.40 -10.68
CA ALA A 111 -11.39 -4.56 -11.75
C ALA A 111 -10.26 -3.57 -11.54
N GLU A 112 -9.23 -3.62 -12.39
CA GLU A 112 -8.17 -2.61 -12.35
C GLU A 112 -8.77 -1.24 -12.57
N SER A 113 -8.40 -0.29 -11.71
CA SER A 113 -8.88 1.08 -11.81
C SER A 113 -8.36 1.75 -13.09
N LEU A 114 -9.21 2.55 -13.71
CA LEU A 114 -8.82 3.35 -14.88
C LEU A 114 -7.91 4.51 -14.47
N ILE A 115 -7.83 4.78 -13.17
CA ILE A 115 -6.85 5.74 -12.65
C ILE A 115 -5.47 5.06 -12.60
N SER A 116 -4.45 5.77 -13.07
CA SER A 116 -3.10 5.18 -13.11
C SER A 116 -2.51 5.04 -11.71
N SER A 117 -1.89 3.88 -11.46
CA SER A 117 -1.28 3.57 -10.16
C SER A 117 -2.24 3.87 -9.00
N ALA A 118 -3.45 3.32 -9.10
CA ALA A 118 -4.45 3.47 -8.05
C ALA A 118 -5.04 2.10 -7.69
N GLY A 119 -4.27 1.03 -7.96
CA GLY A 119 -4.70 -0.34 -7.68
C GLY A 119 -6.01 -0.71 -8.36
N GLU A 120 -6.84 -1.47 -7.66
CA GLU A 120 -8.18 -1.83 -8.15
C GLU A 120 -9.21 -0.71 -7.96
N GLY A 121 -10.26 -0.73 -8.77
CA GLY A 121 -11.39 0.19 -8.61
C GLY A 121 -12.70 -0.57 -8.61
N LEU A 122 -13.78 0.16 -8.38
CA LEU A 122 -15.12 -0.41 -8.37
C LEU A 122 -15.89 0.08 -9.60
N PHE A 123 -16.56 -0.85 -10.27
CA PHE A 123 -17.24 -0.55 -11.53
C PHE A 123 -18.71 -0.95 -11.49
N SER A 124 -19.55 -0.09 -12.06
CA SER A 124 -20.96 -0.40 -12.29
C SER A 124 -21.10 -1.56 -13.27
N LYS A 125 -22.00 -2.50 -12.97
CA LYS A 125 -22.26 -3.64 -13.85
C LYS A 125 -23.35 -3.28 -14.85
N VAL A 126 -24.13 -2.25 -14.52
CA VAL A 126 -25.34 -1.90 -15.27
C VAL A 126 -25.56 -0.40 -15.25
N ALA A 127 -26.45 0.07 -16.11
CA ALA A 127 -26.84 1.48 -16.10
C ALA A 127 -27.89 1.71 -15.01
N VAL A 128 -27.71 2.79 -14.25
CA VAL A 128 -28.64 3.20 -13.20
C VAL A 128 -28.76 4.72 -13.18
N GLY A 129 -29.81 5.22 -12.55
CA GLY A 129 -30.02 6.67 -12.40
C GLY A 129 -29.39 7.24 -11.15
N PRO A 130 -29.62 8.55 -10.89
CA PRO A 130 -29.14 9.21 -9.68
C PRO A 130 -29.71 8.59 -8.41
N ASN A 131 -28.98 8.75 -7.31
CA ASN A 131 -29.43 8.34 -5.97
C ASN A 131 -29.65 6.83 -5.81
N THR A 132 -28.89 6.04 -6.56
CA THR A 132 -29.00 4.59 -6.54
C THR A 132 -27.89 4.00 -5.67
N VAL A 133 -28.29 3.21 -4.66
CA VAL A 133 -27.33 2.48 -3.83
C VAL A 133 -26.70 1.38 -4.68
N MET A 134 -25.37 1.37 -4.76
CA MET A 134 -24.64 0.44 -5.60
C MET A 134 -23.88 -0.60 -4.81
N SER A 135 -23.34 -0.20 -3.67
CA SER A 135 -22.34 -1.00 -2.95
C SER A 135 -22.35 -0.70 -1.47
N PHE A 136 -21.93 -1.68 -0.67
CA PHE A 136 -21.92 -1.56 0.78
C PHE A 136 -20.50 -1.50 1.34
N TYR A 137 -20.28 -0.55 2.26
CA TYR A 137 -18.98 -0.40 2.91
C TYR A 137 -19.04 -1.01 4.30
N ASN A 138 -18.82 -2.32 4.38
CA ASN A 138 -18.74 -2.96 5.67
C ASN A 138 -17.28 -3.10 6.05
N GLY A 139 -17.00 -3.26 7.34
CA GLY A 139 -15.66 -3.53 7.83
C GLY A 139 -15.70 -3.73 9.33
N VAL A 140 -14.54 -4.02 9.93
CA VAL A 140 -14.43 -4.08 11.40
C VAL A 140 -14.64 -2.70 12.01
N ARG A 141 -15.06 -2.67 13.27
CA ARG A 141 -15.43 -1.43 13.96
C ARG A 141 -14.38 -1.04 14.97
N ILE A 142 -13.75 0.11 14.75
CA ILE A 142 -12.71 0.60 15.64
C ILE A 142 -12.95 2.07 16.00
N THR A 143 -12.15 2.59 16.93
CA THR A 143 -12.33 3.98 17.36
C THR A 143 -11.53 4.94 16.49
N HIS A 144 -11.95 6.19 16.48
CA HIS A 144 -11.18 7.24 15.84
C HIS A 144 -9.80 7.39 16.46
N GLN A 145 -9.72 7.17 17.78
CA GLN A 145 -8.48 7.31 18.53
C GLN A 145 -7.43 6.30 18.06
N GLU A 146 -7.85 5.04 17.89
CA GLU A 146 -6.92 4.01 17.44
C GLU A 146 -6.35 4.31 16.05
N VAL A 147 -7.22 4.81 15.16
CA VAL A 147 -6.82 5.21 13.81
C VAL A 147 -5.84 6.39 13.88
N ASP A 148 -6.16 7.37 14.72
CA ASP A 148 -5.32 8.56 14.91
C ASP A 148 -3.94 8.22 15.49
N SER A 149 -3.87 7.17 16.30
CA SER A 149 -2.66 6.83 17.06
C SER A 149 -1.72 5.84 16.39
N ARG A 150 -2.14 5.24 15.29
CA ARG A 150 -1.33 4.19 14.66
C ARG A 150 -0.64 4.68 13.38
N ASP A 151 0.21 3.82 12.82
CA ASP A 151 0.95 4.08 11.58
C ASP A 151 0.00 4.38 10.40
N TRP A 152 0.32 5.42 9.63
CA TRP A 152 -0.54 5.91 8.53
C TRP A 152 -0.70 4.92 7.37
N ALA A 153 0.28 4.02 7.22
CA ALA A 153 0.19 2.97 6.23
C ALA A 153 -0.95 2.00 6.54
N LEU A 154 -1.48 2.08 7.76
CA LEU A 154 -2.59 1.21 8.18
C LEU A 154 -3.98 1.78 7.86
N ASN A 155 -4.02 2.98 7.30
CA ASN A 155 -5.29 3.74 7.22
C ASN A 155 -5.82 4.02 5.82
N GLY A 156 -5.52 3.12 4.89
CA GLY A 156 -6.03 3.21 3.53
C GLY A 156 -7.54 3.03 3.43
N ASN A 157 -8.09 2.15 4.27
CA ASN A 157 -9.50 1.72 4.21
C ASN A 157 -10.39 2.16 5.38
N THR A 158 -9.92 3.13 6.16
CA THR A 158 -10.61 3.56 7.37
C THR A 158 -11.64 4.64 7.03
N LEU A 159 -12.90 4.23 7.05
CA LEU A 159 -14.00 5.15 6.75
C LEU A 159 -14.73 5.51 8.04
N SER A 160 -14.86 6.82 8.29
CA SER A 160 -15.61 7.31 9.43
C SER A 160 -17.08 6.91 9.31
N LEU A 161 -17.60 6.25 10.34
CA LEU A 161 -19.03 5.91 10.38
C LEU A 161 -19.83 7.02 11.09
N ASP A 162 -19.38 7.39 12.29
CA ASP A 162 -19.95 8.51 13.04
C ASP A 162 -18.82 9.15 13.84
N GLU A 163 -19.15 10.12 14.69
CA GLU A 163 -18.14 10.80 15.52
C GLU A 163 -17.32 9.84 16.38
N GLU A 164 -17.88 8.66 16.67
CA GLU A 164 -17.25 7.69 17.57
C GLU A 164 -16.59 6.47 16.89
N THR A 165 -17.13 6.03 15.77
CA THR A 165 -16.72 4.76 15.15
C THR A 165 -16.17 4.91 13.73
N VAL A 166 -15.16 4.12 13.43
CA VAL A 166 -14.58 3.99 12.10
C VAL A 166 -14.75 2.54 11.64
N ILE A 167 -15.08 2.37 10.38
CA ILE A 167 -15.15 1.06 9.74
C ILE A 167 -13.89 0.89 8.93
N ASP A 168 -13.18 -0.21 9.15
CA ASP A 168 -11.92 -0.50 8.47
C ASP A 168 -11.99 -1.84 7.74
N VAL A 169 -11.26 -1.93 6.64
CA VAL A 169 -11.08 -3.21 5.93
C VAL A 169 -9.57 -3.48 5.93
N PRO A 170 -9.05 -4.01 7.05
CA PRO A 170 -7.60 -4.19 7.16
C PRO A 170 -7.14 -5.43 6.43
N GLU A 171 -5.83 -5.55 6.24
CA GLU A 171 -5.21 -6.81 5.79
C GLU A 171 -5.67 -7.96 6.68
N PRO A 172 -5.96 -9.14 6.07
CA PRO A 172 -5.90 -9.45 4.64
C PRO A 172 -7.22 -9.23 3.87
N TYR A 173 -8.18 -8.56 4.49
CA TYR A 173 -9.54 -8.42 3.94
C TYR A 173 -9.66 -7.42 2.79
N ASN A 174 -8.60 -6.65 2.57
CA ASN A 174 -8.57 -5.72 1.43
C ASN A 174 -8.35 -6.42 0.09
N HIS A 175 -8.11 -7.73 0.13
CA HIS A 175 -8.04 -8.57 -1.07
C HIS A 175 -9.33 -9.38 -1.25
N VAL A 176 -9.90 -9.27 -2.44
CA VAL A 176 -11.16 -9.90 -2.83
C VAL A 176 -11.15 -11.43 -2.69
N SER A 177 -9.97 -12.05 -2.76
CA SER A 177 -9.86 -13.50 -2.58
C SER A 177 -10.10 -13.88 -1.12
N LYS A 178 -9.92 -12.93 -0.21
CA LYS A 178 -10.06 -13.19 1.22
C LYS A 178 -11.36 -12.61 1.79
N TYR A 179 -11.89 -11.59 1.13
CA TYR A 179 -13.12 -10.95 1.59
C TYR A 179 -13.88 -10.34 0.43
N CYS A 180 -15.10 -10.82 0.20
CA CYS A 180 -15.95 -10.24 -0.83
C CYS A 180 -17.40 -10.05 -0.43
N ALA A 181 -17.69 -10.11 0.87
CA ALA A 181 -19.04 -9.92 1.37
C ALA A 181 -19.61 -8.54 1.03
N SER A 182 -18.73 -7.52 1.00
CA SER A 182 -19.05 -6.17 0.58
C SER A 182 -17.84 -5.63 -0.17
N LEU A 183 -18.06 -4.62 -1.01
CA LEU A 183 -17.06 -4.18 -1.98
C LEU A 183 -16.86 -2.68 -2.02
N GLY A 184 -17.52 -1.97 -1.10
CA GLY A 184 -17.46 -0.50 -1.02
C GLY A 184 -16.06 0.07 -0.84
N HIS A 185 -15.20 -0.69 -0.17
CA HIS A 185 -13.79 -0.32 0.02
C HIS A 185 -12.95 -0.37 -1.26
N LYS A 186 -13.54 -0.77 -2.39
CA LYS A 186 -12.81 -0.77 -3.66
C LYS A 186 -12.99 0.48 -4.50
N ALA A 187 -13.86 1.40 -4.09
CA ALA A 187 -14.10 2.59 -4.85
C ALA A 187 -12.99 3.61 -4.60
N ASN A 188 -12.42 4.11 -5.69
CA ASN A 188 -11.30 5.06 -5.61
C ASN A 188 -11.78 6.48 -5.50
N HIS A 189 -10.84 7.40 -5.28
CA HIS A 189 -11.12 8.82 -5.13
C HIS A 189 -11.15 9.55 -6.46
N SER A 190 -12.09 10.51 -6.59
CA SER A 190 -12.05 11.51 -7.65
C SER A 190 -12.53 12.85 -7.11
N PHE A 191 -11.96 13.93 -7.66
CA PHE A 191 -12.45 15.30 -7.40
C PHE A 191 -13.70 15.68 -8.23
N THR A 192 -14.01 14.86 -9.24
CA THR A 192 -15.31 14.90 -9.91
C THR A 192 -15.97 13.53 -9.75
N PRO A 193 -16.38 13.18 -8.51
CA PRO A 193 -16.92 11.84 -8.27
C PRO A 193 -18.32 11.67 -8.85
N ASN A 194 -18.70 10.43 -9.14
CA ASN A 194 -20.06 10.12 -9.55
C ASN A 194 -20.90 9.50 -8.43
N CYS A 195 -20.29 9.32 -7.26
CA CYS A 195 -20.94 8.72 -6.10
C CYS A 195 -20.62 9.47 -4.81
N ILE A 196 -21.42 9.19 -3.78
CA ILE A 196 -21.13 9.64 -2.42
C ILE A 196 -21.24 8.45 -1.46
N TYR A 197 -20.61 8.55 -0.30
CA TYR A 197 -20.89 7.65 0.81
C TYR A 197 -22.13 8.13 1.55
N ASP A 198 -23.00 7.18 1.93
CA ASP A 198 -24.24 7.51 2.61
C ASP A 198 -24.49 6.46 3.70
N MET A 199 -25.36 6.80 4.66
CA MET A 199 -25.69 5.85 5.72
C MET A 199 -26.56 4.74 5.14
N PHE A 200 -26.50 3.57 5.77
CA PHE A 200 -27.31 2.44 5.36
C PHE A 200 -27.52 1.48 6.54
N VAL A 201 -28.74 0.97 6.68
CA VAL A 201 -29.00 -0.01 7.74
C VAL A 201 -29.24 -1.35 7.04
N HIS A 202 -28.24 -2.22 7.13
CA HIS A 202 -28.19 -3.46 6.38
C HIS A 202 -28.62 -4.62 7.27
N PRO A 203 -29.47 -5.53 6.76
CA PRO A 203 -30.00 -6.64 7.59
C PRO A 203 -28.94 -7.66 8.03
N ARG A 204 -27.82 -7.67 7.32
CA ARG A 204 -26.70 -8.55 7.63
C ARG A 204 -25.61 -7.78 8.39
N PHE A 205 -25.14 -6.70 7.79
CA PHE A 205 -24.00 -5.94 8.33
C PHE A 205 -24.39 -4.96 9.43
N GLY A 206 -25.69 -4.68 9.59
CA GLY A 206 -26.13 -3.67 10.57
C GLY A 206 -25.84 -2.25 10.08
N PRO A 207 -25.62 -1.32 11.02
CA PRO A 207 -25.36 0.07 10.64
C PRO A 207 -23.98 0.28 10.02
N ILE A 208 -24.00 0.62 8.74
CA ILE A 208 -22.80 0.78 7.94
C ILE A 208 -22.97 1.97 6.98
N LYS A 209 -22.04 2.13 6.05
CA LYS A 209 -22.23 3.08 4.97
C LYS A 209 -22.37 2.38 3.65
N CYS A 210 -22.91 3.09 2.66
CA CYS A 210 -23.03 2.54 1.33
C CYS A 210 -22.49 3.53 0.33
N ILE A 211 -22.38 3.10 -0.91
CA ILE A 211 -22.01 3.97 -2.02
C ILE A 211 -23.28 4.21 -2.82
N ARG A 212 -23.62 5.48 -2.98
CA ARG A 212 -24.84 5.88 -3.67
C ARG A 212 -24.45 6.82 -4.81
N THR A 213 -24.96 6.57 -6.00
CA THR A 213 -24.65 7.46 -7.15
C THR A 213 -25.19 8.87 -6.93
N LEU A 214 -24.52 9.86 -7.52
CA LEU A 214 -24.96 11.24 -7.50
C LEU A 214 -25.76 11.58 -8.75
N ARG A 215 -25.46 10.86 -9.82
CA ARG A 215 -26.08 11.08 -11.13
C ARG A 215 -26.24 9.76 -11.84
N ALA A 216 -26.85 9.81 -13.04
CA ALA A 216 -26.94 8.64 -13.90
C ALA A 216 -25.55 8.10 -14.21
N VAL A 217 -25.43 6.77 -14.21
CA VAL A 217 -24.15 6.10 -14.45
C VAL A 217 -24.37 4.97 -15.45
N GLU A 218 -23.48 4.86 -16.43
CA GLU A 218 -23.59 3.84 -17.47
C GLU A 218 -22.88 2.56 -17.05
N ALA A 219 -23.24 1.45 -17.70
CA ALA A 219 -22.61 0.15 -17.44
C ALA A 219 -21.11 0.22 -17.68
N ASP A 220 -20.35 -0.41 -16.79
CA ASP A 220 -18.87 -0.44 -16.85
C ASP A 220 -18.17 0.87 -16.48
N GLU A 221 -18.93 1.88 -16.07
CA GLU A 221 -18.34 3.13 -15.60
C GLU A 221 -17.71 2.93 -14.21
N GLU A 222 -16.50 3.45 -14.03
CA GLU A 222 -15.87 3.40 -12.72
C GLU A 222 -16.63 4.28 -11.73
N LEU A 223 -16.87 3.73 -10.55
CA LEU A 223 -17.52 4.45 -9.47
C LEU A 223 -16.48 5.10 -8.58
N THR A 224 -16.64 6.40 -8.36
CA THR A 224 -15.68 7.17 -7.59
C THR A 224 -16.37 8.11 -6.62
N VAL A 225 -15.69 8.33 -5.50
CA VAL A 225 -16.18 9.15 -4.39
CA VAL A 225 -16.17 9.15 -4.40
C VAL A 225 -15.10 10.16 -4.00
N ALA A 226 -15.50 11.35 -3.57
CA ALA A 226 -14.55 12.32 -3.03
C ALA A 226 -14.17 11.93 -1.59
N TYR A 227 -12.92 11.53 -1.37
CA TYR A 227 -12.42 11.16 -0.03
C TYR A 227 -12.35 12.39 0.89
N GLY A 228 -12.38 12.14 2.20
CA GLY A 228 -12.32 13.22 3.19
C GLY A 228 -11.01 13.32 3.96
N TYR A 229 -10.18 14.30 3.58
CA TYR A 229 -8.88 14.52 4.21
C TYR A 229 -8.74 15.91 4.85
N ASP A 230 -9.86 16.50 5.26
CA ASP A 230 -9.84 17.76 6.01
C ASP A 230 -9.09 17.63 7.34
N HIS A 231 -9.17 16.44 7.95
CA HIS A 231 -8.62 16.21 9.29
C HIS A 231 -7.29 15.45 9.31
N SER A 232 -6.60 15.45 8.17
CA SER A 232 -5.24 14.89 8.08
C SER A 232 -4.28 15.66 9.00
N PRO A 233 -3.23 14.99 9.53
CA PRO A 233 -2.29 15.70 10.40
C PRO A 233 -1.72 16.93 9.70
N PRO A 234 -1.68 18.07 10.39
CA PRO A 234 -1.25 19.32 9.77
C PRO A 234 0.24 19.31 9.50
N GLY A 235 0.63 19.83 8.34
CA GLY A 235 2.02 20.11 8.01
C GLY A 235 2.19 21.59 7.68
N LYS A 236 3.35 21.93 7.13
CA LYS A 236 3.66 23.31 6.74
C LYS A 236 2.65 23.85 5.72
N SER A 237 2.04 22.94 4.97
CA SER A 237 1.14 23.30 3.86
C SER A 237 -0.33 23.12 4.18
N GLY A 238 -0.63 22.86 5.45
CA GLY A 238 -1.99 22.58 5.88
C GLY A 238 -2.15 21.10 6.19
N PRO A 239 -3.41 20.61 6.21
CA PRO A 239 -3.62 19.16 6.40
C PRO A 239 -2.81 18.35 5.39
N GLU A 240 -1.93 17.48 5.88
CA GLU A 240 -1.07 16.68 5.01
C GLU A 240 -1.74 15.35 4.66
N ALA A 241 -2.40 15.33 3.50
CA ALA A 241 -3.06 14.13 3.02
C ALA A 241 -2.02 13.13 2.45
N PRO A 242 -2.42 11.86 2.24
CA PRO A 242 -1.52 10.91 1.57
C PRO A 242 -1.03 11.50 0.25
N GLU A 243 0.19 11.16 -0.16
CA GLU A 243 0.80 11.91 -1.25
C GLU A 243 0.13 11.74 -2.62
N TRP A 244 -0.50 10.59 -2.87
CA TRP A 244 -1.27 10.41 -4.11
C TRP A 244 -2.38 11.47 -4.25
N TYR A 245 -3.01 11.81 -3.13
CA TYR A 245 -4.11 12.78 -3.10
C TYR A 245 -3.57 14.20 -3.32
N GLN A 246 -2.45 14.50 -2.66
CA GLN A 246 -1.78 15.80 -2.83
C GLN A 246 -1.43 16.04 -4.29
N VAL A 247 -0.83 15.03 -4.92
CA VAL A 247 -0.47 15.08 -6.34
C VAL A 247 -1.70 15.29 -7.21
N GLU A 248 -2.72 14.47 -7.00
CA GLU A 248 -3.93 14.57 -7.80
C GLU A 248 -4.65 15.90 -7.63
N LEU A 249 -4.60 16.47 -6.43
CA LEU A 249 -5.21 17.77 -6.17
C LEU A 249 -4.49 18.87 -6.94
N LYS A 250 -3.17 18.89 -6.85
CA LYS A 250 -2.35 19.83 -7.62
C LYS A 250 -2.69 19.67 -9.10
N ALA A 251 -2.80 18.40 -9.54
CA ALA A 251 -3.17 18.08 -10.91
C ALA A 251 -4.56 18.59 -11.30
N PHE A 252 -5.55 18.38 -10.44
CA PHE A 252 -6.93 18.83 -10.68
C PHE A 252 -7.06 20.35 -10.73
N GLN A 253 -6.36 21.04 -9.81
CA GLN A 253 -6.44 22.50 -9.72
C GLN A 253 -5.94 23.21 -10.97
N ALA A 254 -5.02 22.55 -11.68
CA ALA A 254 -4.46 23.06 -12.94
C ALA A 254 -5.53 23.29 -14.01
N THR A 255 -6.62 22.52 -13.94
CA THR A 255 -7.73 22.64 -14.89
C THR A 255 -8.66 23.81 -14.56
N VAL B 10 51.24 6.02 1.63
CA VAL B 10 49.77 6.06 1.37
C VAL B 10 49.21 4.65 1.50
N CYS B 11 48.07 4.53 2.16
N CYS B 11 48.07 4.53 2.19
CA CYS B 11 47.42 3.24 2.35
CA CYS B 11 47.39 3.26 2.34
C CYS B 11 46.05 3.22 1.67
C CYS B 11 46.07 3.24 1.60
N TRP B 12 45.76 2.11 0.99
CA TRP B 12 44.45 1.88 0.38
C TRP B 12 43.85 0.68 1.11
N ILE B 13 42.62 0.81 1.56
CA ILE B 13 41.92 -0.27 2.24
C ILE B 13 40.67 -0.54 1.41
N TYR B 14 40.62 -1.70 0.77
CA TYR B 14 39.47 -2.05 -0.06
C TYR B 14 38.49 -2.94 0.68
N TYR B 15 37.22 -2.55 0.63
CA TYR B 15 36.14 -3.40 1.14
C TYR B 15 35.81 -4.45 0.09
N PRO B 16 35.18 -5.56 0.49
CA PRO B 16 34.76 -6.58 -0.48
C PRO B 16 33.83 -6.05 -1.59
N ASP B 17 33.02 -5.03 -1.28
CA ASP B 17 32.09 -4.47 -2.27
C ASP B 17 32.74 -3.64 -3.40
N GLY B 18 34.02 -3.32 -3.25
CA GLY B 18 34.73 -2.55 -4.27
C GLY B 18 35.08 -1.13 -3.84
N GLY B 19 34.40 -0.63 -2.80
CA GLY B 19 34.70 0.69 -2.24
C GLY B 19 36.04 0.64 -1.51
N SER B 20 36.59 1.81 -1.20
CA SER B 20 37.88 1.83 -0.50
C SER B 20 38.08 3.11 0.28
N LEU B 21 38.96 3.05 1.27
CA LEU B 21 39.46 4.24 1.96
C LEU B 21 40.91 4.40 1.58
N VAL B 22 41.33 5.64 1.36
CA VAL B 22 42.69 5.91 0.95
C VAL B 22 43.21 7.17 1.63
N GLY B 23 44.44 7.07 2.16
CA GLY B 23 45.15 8.22 2.67
C GLY B 23 46.43 7.85 3.38
N GLU B 24 47.14 8.89 3.85
CA GLU B 24 48.30 8.70 4.69
C GLU B 24 47.80 8.36 6.08
N VAL B 25 48.32 7.28 6.63
CA VAL B 25 47.98 6.93 8.00
C VAL B 25 48.79 7.83 8.95
N ASN B 26 48.28 8.04 10.16
CA ASN B 26 48.99 8.87 11.14
C ASN B 26 50.03 8.07 11.93
N GLU B 27 50.54 8.66 13.01
CA GLU B 27 51.55 8.03 13.89
C GLU B 27 51.19 6.61 14.35
N ASP B 28 49.91 6.37 14.64
CA ASP B 28 49.44 5.07 15.10
C ASP B 28 49.01 4.14 13.98
N GLY B 29 49.12 4.61 12.74
CA GLY B 29 48.67 3.83 11.58
C GLY B 29 47.16 3.88 11.38
N GLU B 30 46.52 4.91 11.93
CA GLU B 30 45.08 5.08 11.80
C GLU B 30 44.72 6.02 10.63
N MET B 31 43.59 5.74 9.99
CA MET B 31 43.08 6.56 8.90
C MET B 31 42.46 7.85 9.45
N THR B 32 43.34 8.78 9.82
CA THR B 32 42.96 9.99 10.53
C THR B 32 43.74 11.17 9.98
N GLY B 33 43.02 12.20 9.56
CA GLY B 33 43.61 13.40 9.01
C GLY B 33 42.59 14.16 8.19
N GLU B 34 43.06 15.19 7.48
CA GLU B 34 42.20 16.08 6.70
C GLU B 34 42.28 15.78 5.20
N LYS B 35 43.09 14.81 4.84
CA LYS B 35 43.29 14.47 3.42
C LYS B 35 43.04 12.98 3.15
N ILE B 36 42.02 12.44 3.80
CA ILE B 36 41.59 11.05 3.60
C ILE B 36 40.38 11.04 2.67
N ALA B 37 40.19 9.94 1.93
CA ALA B 37 39.05 9.82 1.03
C ALA B 37 38.38 8.47 1.10
N TYR B 38 37.05 8.47 1.00
CA TYR B 38 36.34 7.26 0.62
C TYR B 38 36.19 7.29 -0.90
N VAL B 39 36.52 6.19 -1.55
CA VAL B 39 36.35 6.09 -2.98
C VAL B 39 35.33 5.01 -3.28
N TYR B 40 34.31 5.35 -4.06
CA TYR B 40 33.25 4.41 -4.43
C TYR B 40 33.80 3.29 -5.35
N PRO B 41 32.98 2.26 -5.64
CA PRO B 41 33.44 1.15 -6.47
C PRO B 41 33.77 1.51 -7.92
N ASP B 42 33.38 2.70 -8.37
CA ASP B 42 33.76 3.15 -9.71
C ASP B 42 35.24 3.62 -9.76
N GLU B 43 35.87 3.69 -8.59
CA GLU B 43 37.28 4.09 -8.45
C GLU B 43 37.50 5.49 -9.04
N ARG B 44 36.47 6.33 -9.00
CA ARG B 44 36.52 7.68 -9.56
C ARG B 44 35.81 8.68 -8.65
N THR B 45 34.61 8.32 -8.21
CA THR B 45 33.80 9.17 -7.36
C THR B 45 34.28 9.05 -5.93
N ALA B 46 34.53 10.18 -5.29
CA ALA B 46 35.12 10.18 -3.96
C ALA B 46 34.52 11.19 -2.98
N LEU B 47 34.66 10.87 -1.70
CA LEU B 47 34.29 11.76 -0.62
C LEU B 47 35.58 12.06 0.14
N TYR B 48 36.03 13.29 0.03
CA TYR B 48 37.39 13.65 0.44
C TYR B 48 37.35 14.64 1.57
N GLY B 49 38.14 14.37 2.61
CA GLY B 49 38.30 15.32 3.70
C GLY B 49 38.71 14.73 5.02
N LYS B 50 37.99 15.14 6.05
CA LYS B 50 38.31 14.84 7.43
C LYS B 50 37.73 13.50 7.84
N PHE B 51 38.61 12.58 8.23
CA PHE B 51 38.22 11.27 8.74
C PHE B 51 38.96 11.06 10.06
N ILE B 52 38.33 10.33 10.97
CA ILE B 52 38.98 9.91 12.22
C ILE B 52 38.82 8.41 12.38
N ASP B 53 39.95 7.70 12.43
CA ASP B 53 39.97 6.23 12.51
C ASP B 53 39.05 5.56 11.48
N GLY B 54 39.10 6.07 10.25
CA GLY B 54 38.32 5.49 9.15
C GLY B 54 36.89 6.00 9.04
N GLU B 55 36.46 6.78 10.03
CA GLU B 55 35.08 7.27 10.09
C GLU B 55 35.01 8.65 9.45
N MET B 56 34.10 8.79 8.50
CA MET B 56 33.98 10.03 7.76
C MET B 56 33.37 11.12 8.60
N ILE B 57 34.09 12.22 8.80
CA ILE B 57 33.59 13.35 9.57
C ILE B 57 33.08 14.46 8.66
N GLU B 58 33.89 14.85 7.68
CA GLU B 58 33.48 15.82 6.69
C GLU B 58 34.05 15.43 5.34
N GLY B 59 33.28 14.64 4.59
CA GLY B 59 33.67 14.28 3.22
C GLY B 59 33.01 15.16 2.18
N LYS B 60 33.82 15.77 1.33
CA LYS B 60 33.36 16.59 0.21
C LYS B 60 33.40 15.77 -1.06
N LEU B 61 32.38 15.93 -1.91
CA LEU B 61 32.38 15.28 -3.22
C LEU B 61 33.62 15.68 -4.02
N ALA B 62 34.26 14.67 -4.61
CA ALA B 62 35.51 14.85 -5.34
C ALA B 62 35.64 13.79 -6.42
N THR B 63 36.54 14.06 -7.38
CA THR B 63 36.87 13.10 -8.42
C THR B 63 38.33 12.68 -8.30
N LEU B 64 38.55 11.36 -8.29
CA LEU B 64 39.90 10.79 -8.36
C LEU B 64 40.39 10.92 -9.79
N MET B 65 41.27 11.90 -10.01
CA MET B 65 41.74 12.26 -11.35
C MET B 65 42.79 11.31 -11.89
N SER B 66 43.70 10.87 -11.02
CA SER B 66 44.82 10.04 -11.41
C SER B 66 45.48 9.45 -10.18
N THR B 67 46.31 8.44 -10.40
CA THR B 67 47.08 7.86 -9.33
C THR B 67 48.52 7.67 -9.82
N GLU B 68 49.46 8.23 -9.05
CA GLU B 68 50.90 8.12 -9.37
C GLU B 68 51.57 7.36 -8.24
N GLU B 69 51.95 6.11 -8.53
CA GLU B 69 52.62 5.23 -7.56
C GLU B 69 51.87 5.15 -6.23
N GLY B 70 50.59 4.80 -6.31
CA GLY B 70 49.74 4.69 -5.11
C GLY B 70 49.20 6.00 -4.58
N ARG B 71 49.78 7.12 -5.02
CA ARG B 71 49.37 8.44 -4.55
C ARG B 71 48.23 8.98 -5.39
N PRO B 72 47.03 9.13 -4.78
CA PRO B 72 45.88 9.67 -5.50
C PRO B 72 45.93 11.19 -5.65
N HIS B 73 45.43 11.70 -6.76
CA HIS B 73 45.22 13.13 -6.91
C HIS B 73 43.72 13.39 -7.03
N PHE B 74 43.17 14.17 -6.10
CA PHE B 74 41.74 14.49 -6.09
C PHE B 74 41.47 15.92 -6.53
N GLU B 75 40.34 16.09 -7.20
CA GLU B 75 39.79 17.41 -7.49
C GLU B 75 38.40 17.51 -6.87
N LEU B 76 38.18 18.54 -6.05
CA LEU B 76 36.89 18.78 -5.42
C LEU B 76 35.85 19.25 -6.42
N MET B 77 34.63 18.73 -6.29
CA MET B 77 33.52 19.21 -7.08
C MET B 77 33.05 20.55 -6.51
N PRO B 78 32.65 21.49 -7.40
CA PRO B 78 32.10 22.78 -6.94
C PRO B 78 30.81 22.62 -6.11
N GLY B 79 30.58 23.54 -5.18
CA GLY B 79 29.41 23.47 -4.31
C GLY B 79 29.79 23.19 -2.87
N ASN B 80 28.79 22.82 -2.06
CA ASN B 80 28.98 22.73 -0.62
C ASN B 80 28.42 21.44 0.00
N SER B 81 28.19 20.43 -0.82
CA SER B 81 27.72 19.14 -0.32
C SER B 81 28.80 18.43 0.51
N VAL B 82 28.55 18.35 1.81
CA VAL B 82 29.43 17.63 2.73
CA VAL B 82 29.42 17.65 2.75
C VAL B 82 28.67 16.48 3.38
N TYR B 83 29.34 15.33 3.49
CA TYR B 83 28.74 14.11 4.03
C TYR B 83 29.47 13.66 5.29
N HIS B 84 28.74 13.01 6.18
CA HIS B 84 29.32 12.47 7.40
C HIS B 84 28.73 11.09 7.68
N PHE B 85 29.47 10.30 8.44
CA PHE B 85 28.95 9.04 8.97
C PHE B 85 27.68 9.34 9.75
N ASP B 86 26.60 8.67 9.34
CA ASP B 86 25.25 9.00 9.78
C ASP B 86 24.36 7.74 9.80
N LYS B 87 24.80 6.70 10.50
CA LYS B 87 24.08 5.41 10.57
C LYS B 87 22.67 5.62 11.12
N SER B 88 21.69 4.98 10.51
CA SER B 88 20.32 5.09 10.97
C SER B 88 20.16 4.44 12.35
N THR B 89 19.07 4.79 13.03
CA THR B 89 18.65 4.10 14.26
C THR B 89 17.36 3.33 13.93
N SER B 90 16.61 2.91 14.95
CA SER B 90 15.31 2.28 14.69
C SER B 90 14.25 3.32 14.32
N SER B 91 14.52 4.58 14.63
CA SER B 91 13.54 5.65 14.43
C SER B 91 14.00 6.74 13.45
N CYS B 92 15.30 6.99 13.40
CA CYS B 92 15.83 8.02 12.52
C CYS B 92 16.53 7.41 11.32
N ILE B 93 16.04 7.73 10.13
CA ILE B 93 16.56 7.15 8.88
C ILE B 93 17.83 7.87 8.36
N SER B 94 17.94 9.17 8.66
CA SER B 94 19.02 10.00 8.16
C SER B 94 18.87 11.39 8.77
N THR B 95 20.00 12.03 9.07
CA THR B 95 19.99 13.42 9.54
CA THR B 95 20.04 13.42 9.54
C THR B 95 19.68 14.36 8.38
N ASN B 96 19.95 13.90 7.16
CA ASN B 96 19.67 14.68 5.95
C ASN B 96 18.92 13.86 4.90
N ALA B 97 17.62 13.66 5.14
CA ALA B 97 16.78 12.78 4.30
C ALA B 97 16.74 13.18 2.83
N LEU B 98 16.91 14.46 2.55
CA LEU B 98 16.84 14.95 1.18
C LEU B 98 18.21 15.19 0.50
N LEU B 99 19.29 14.85 1.20
CA LEU B 99 20.63 14.89 0.59
C LEU B 99 20.94 13.56 -0.12
N PRO B 100 20.95 13.56 -1.47
CA PRO B 100 21.11 12.31 -2.23
C PRO B 100 22.52 11.75 -2.14
N ASP B 101 22.67 10.46 -2.42
CA ASP B 101 23.98 9.89 -2.60
C ASP B 101 24.49 10.25 -3.99
N PRO B 102 25.70 10.84 -4.07
CA PRO B 102 26.17 11.38 -5.35
C PRO B 102 26.51 10.31 -6.40
N TYR B 103 26.97 9.14 -5.96
CA TYR B 103 27.30 8.03 -6.87
C TYR B 103 26.02 7.41 -7.44
N GLU B 104 25.07 7.21 -6.54
CA GLU B 104 23.75 6.72 -6.92
C GLU B 104 23.03 7.69 -7.86
N SER B 105 23.12 9.00 -7.61
CA SER B 105 22.44 10.00 -8.45
CA SER B 105 22.41 9.98 -8.45
C SER B 105 22.89 9.98 -9.90
N GLU B 106 24.11 9.50 -10.13
CA GLU B 106 24.64 9.43 -11.49
C GLU B 106 24.24 8.15 -12.22
N ARG B 107 23.64 7.22 -11.49
CA ARG B 107 23.37 5.89 -12.04
C ARG B 107 21.90 5.49 -12.16
N VAL B 108 21.05 6.01 -11.29
CA VAL B 108 19.65 5.58 -11.25
C VAL B 108 18.67 6.74 -11.06
N TYR B 109 17.43 6.53 -11.48
CA TYR B 109 16.36 7.51 -11.26
C TYR B 109 15.04 6.76 -11.01
N VAL B 110 14.10 7.44 -10.35
CA VAL B 110 12.81 6.85 -10.03
C VAL B 110 11.76 7.34 -11.03
N ALA B 111 10.95 6.41 -11.52
CA ALA B 111 9.82 6.74 -12.40
C ALA B 111 8.76 5.64 -12.30
N GLU B 112 7.63 5.83 -12.97
CA GLU B 112 6.61 4.80 -13.03
C GLU B 112 7.22 3.50 -13.54
N SER B 113 7.02 2.43 -12.76
CA SER B 113 7.49 1.11 -13.16
C SER B 113 6.80 0.66 -14.45
N LEU B 114 7.55 0.02 -15.34
CA LEU B 114 6.98 -0.55 -16.55
C LEU B 114 6.06 -1.75 -16.24
N ILE B 115 6.17 -2.30 -15.03
CA ILE B 115 5.26 -3.34 -14.56
C ILE B 115 3.93 -2.69 -14.21
N SER B 116 2.82 -3.32 -14.61
CA SER B 116 1.49 -2.79 -14.32
CA SER B 116 1.50 -2.78 -14.32
C SER B 116 1.14 -2.96 -12.84
N SER B 117 0.53 -1.91 -12.27
CA SER B 117 0.07 -1.88 -10.87
C SER B 117 1.16 -2.26 -9.86
N ALA B 118 2.33 -1.64 -10.03
CA ALA B 118 3.49 -1.88 -9.20
C ALA B 118 4.12 -0.55 -8.79
N GLY B 119 3.33 0.52 -8.86
CA GLY B 119 3.78 1.86 -8.47
C GLY B 119 5.04 2.32 -9.18
N GLU B 120 5.96 2.90 -8.42
CA GLU B 120 7.19 3.41 -8.99
C GLU B 120 8.24 2.30 -9.09
N GLY B 121 9.15 2.46 -10.05
CA GLY B 121 10.30 1.57 -10.18
C GLY B 121 11.62 2.33 -10.20
N LEU B 122 12.71 1.59 -10.21
CA LEU B 122 14.05 2.17 -10.27
C LEU B 122 14.66 1.88 -11.64
N PHE B 123 15.19 2.92 -12.28
CA PHE B 123 15.69 2.84 -13.65
C PHE B 123 17.16 3.27 -13.75
N SER B 124 17.92 2.57 -14.59
CA SER B 124 19.32 2.96 -14.84
C SER B 124 19.38 4.19 -15.73
N LYS B 125 20.27 5.13 -15.40
CA LYS B 125 20.56 6.26 -16.29
C LYS B 125 21.54 5.86 -17.38
N VAL B 126 22.34 4.83 -17.12
CA VAL B 126 23.51 4.54 -17.95
C VAL B 126 23.63 3.08 -18.36
N ALA B 127 24.47 2.82 -19.36
CA ALA B 127 24.83 1.47 -19.70
C ALA B 127 26.01 1.05 -18.83
N VAL B 128 25.86 -0.07 -18.14
CA VAL B 128 26.93 -0.62 -17.30
C VAL B 128 27.01 -2.12 -17.48
N GLY B 129 28.16 -2.70 -17.13
CA GLY B 129 28.36 -4.13 -17.23
C GLY B 129 27.85 -4.89 -16.01
N PRO B 130 28.01 -6.22 -15.99
CA PRO B 130 27.64 -7.04 -14.83
C PRO B 130 28.41 -6.65 -13.58
N ASN B 131 27.85 -7.01 -12.42
CA ASN B 131 28.48 -6.80 -11.11
C ASN B 131 28.71 -5.32 -10.73
N THR B 132 27.85 -4.43 -11.24
CA THR B 132 27.99 -2.99 -10.98
C THR B 132 27.00 -2.53 -9.92
N VAL B 133 27.52 -1.87 -8.88
CA VAL B 133 26.70 -1.33 -7.80
C VAL B 133 25.98 -0.11 -8.38
N MET B 134 24.65 -0.12 -8.29
CA MET B 134 23.85 0.93 -8.92
C MET B 134 23.19 1.84 -7.90
N SER B 135 22.83 1.26 -6.76
CA SER B 135 21.95 1.92 -5.83
C SER B 135 22.14 1.38 -4.42
N PHE B 136 21.75 2.19 -3.43
CA PHE B 136 21.92 1.82 -2.03
C PHE B 136 20.60 1.64 -1.31
N TYR B 137 20.53 0.60 -0.46
CA TYR B 137 19.33 0.33 0.32
C TYR B 137 19.55 0.67 1.77
N ASN B 138 19.41 1.96 2.09
CA ASN B 138 19.47 2.40 3.47
C ASN B 138 18.07 2.47 4.04
N GLY B 139 17.99 2.44 5.37
CA GLY B 139 16.73 2.66 6.10
C GLY B 139 16.93 2.45 7.58
N VAL B 140 15.85 2.61 8.35
CA VAL B 140 15.88 2.36 9.80
C VAL B 140 16.18 0.90 10.09
N ARG B 141 16.72 0.62 11.27
CA ARG B 141 17.17 -0.71 11.64
C ARG B 141 16.29 -1.27 12.74
N ILE B 142 15.55 -2.31 12.38
CA ILE B 142 14.59 -2.93 13.29
C ILE B 142 14.87 -4.43 13.33
N THR B 143 14.28 -5.11 14.31
CA THR B 143 14.49 -6.54 14.47
C THR B 143 13.57 -7.33 13.55
N HIS B 144 13.96 -8.59 13.32
CA HIS B 144 13.12 -9.52 12.59
C HIS B 144 11.80 -9.78 13.32
N GLN B 145 11.88 -9.84 14.65
CA GLN B 145 10.70 -10.10 15.49
C GLN B 145 9.65 -9.00 15.39
N GLU B 146 10.09 -7.74 15.32
CA GLU B 146 9.18 -6.62 15.17
C GLU B 146 8.41 -6.67 13.86
N VAL B 147 9.12 -7.04 12.78
CA VAL B 147 8.50 -7.20 11.46
C VAL B 147 7.53 -8.38 11.49
N ASP B 148 7.96 -9.48 12.12
CA ASP B 148 7.17 -10.71 12.20
C ASP B 148 5.85 -10.51 12.95
N SER B 149 5.82 -9.53 13.84
CA SER B 149 4.72 -9.33 14.78
C SER B 149 3.67 -8.31 14.35
N ARG B 150 4.02 -7.46 13.37
CA ARG B 150 3.18 -6.32 13.04
C ARG B 150 2.35 -6.56 11.78
N ASP B 151 1.41 -5.64 11.53
CA ASP B 151 0.49 -5.72 10.40
C ASP B 151 1.25 -5.78 9.07
N TRP B 152 0.84 -6.72 8.21
CA TRP B 152 1.49 -6.94 6.91
C TRP B 152 1.54 -5.69 6.03
N ALA B 153 0.62 -4.77 6.27
CA ALA B 153 0.60 -3.52 5.51
C ALA B 153 1.84 -2.67 5.77
N LEU B 154 2.57 -3.02 6.83
CA LEU B 154 3.76 -2.27 7.26
C LEU B 154 5.08 -2.78 6.65
N ASN B 155 5.01 -3.88 5.90
CA ASN B 155 6.20 -4.64 5.51
C ASN B 155 6.54 -4.65 4.03
N GLY B 156 6.18 -3.58 3.33
CA GLY B 156 6.50 -3.44 1.91
C GLY B 156 7.99 -3.24 1.64
N ASN B 157 8.65 -2.44 2.47
CA ASN B 157 10.05 -2.08 2.29
C ASN B 157 11.05 -2.73 3.28
N THR B 158 10.63 -3.79 3.96
CA THR B 158 11.47 -4.44 4.96
C THR B 158 12.44 -5.44 4.32
N LEU B 159 13.71 -5.06 4.22
CA LEU B 159 14.73 -5.92 3.64
C LEU B 159 15.61 -6.52 4.72
N SER B 160 15.80 -7.84 4.70
CA SER B 160 16.67 -8.48 5.68
C SER B 160 18.12 -8.10 5.42
N LEU B 161 18.81 -7.65 6.48
CA LEU B 161 20.22 -7.27 6.37
C LEU B 161 21.09 -8.45 6.83
N ASP B 162 20.72 -9.03 7.97
CA ASP B 162 21.33 -10.26 8.49
C ASP B 162 20.33 -10.98 9.40
N GLU B 163 20.77 -12.02 10.08
CA GLU B 163 19.86 -12.87 10.86
C GLU B 163 19.15 -12.12 11.98
N GLU B 164 19.71 -10.97 12.38
CA GLU B 164 19.16 -10.17 13.48
C GLU B 164 18.46 -8.88 13.04
N THR B 165 18.93 -8.28 11.95
CA THR B 165 18.51 -6.93 11.57
C THR B 165 17.74 -6.87 10.26
N VAL B 166 16.67 -6.07 10.26
CA VAL B 166 15.95 -5.69 9.05
C VAL B 166 16.14 -4.20 8.78
N ILE B 167 16.32 -3.85 7.51
CA ILE B 167 16.36 -2.46 7.07
C ILE B 167 15.00 -2.12 6.48
N ASP B 168 14.37 -1.05 6.97
CA ASP B 168 13.04 -0.67 6.54
C ASP B 168 13.01 0.78 6.08
N VAL B 169 12.14 1.08 5.12
CA VAL B 169 11.87 2.45 4.72
C VAL B 169 10.39 2.77 4.95
N PRO B 170 10.02 3.00 6.23
CA PRO B 170 8.61 3.19 6.57
C PRO B 170 8.07 4.52 6.08
N GLU B 171 6.74 4.64 6.10
CA GLU B 171 6.08 5.93 5.90
C GLU B 171 6.65 6.98 6.85
N PRO B 172 6.87 8.22 6.35
CA PRO B 172 6.63 8.74 4.99
C PRO B 172 7.85 8.68 4.06
N TYR B 173 8.89 7.99 4.49
CA TYR B 173 10.17 7.93 3.77
C TYR B 173 10.13 7.11 2.49
N ASN B 174 9.01 6.42 2.24
CA ASN B 174 8.83 5.67 1.00
C ASN B 174 8.48 6.55 -0.19
N HIS B 175 8.35 7.86 0.04
CA HIS B 175 8.14 8.83 -1.05
C HIS B 175 9.39 9.67 -1.24
N VAL B 176 9.82 9.84 -2.49
CA VAL B 176 11.08 10.52 -2.80
C VAL B 176 11.06 12.01 -2.44
N SER B 177 9.87 12.58 -2.31
CA SER B 177 9.72 13.99 -1.89
C SER B 177 10.10 14.14 -0.42
N LYS B 178 10.00 13.06 0.33
CA LYS B 178 10.31 13.05 1.75
C LYS B 178 11.66 12.41 2.07
N TYR B 179 12.11 11.49 1.23
CA TYR B 179 13.40 10.82 1.42
C TYR B 179 14.02 10.40 0.09
N CYS B 180 15.19 10.94 -0.22
CA CYS B 180 15.93 10.55 -1.41
C CYS B 180 17.45 10.34 -1.17
N ALA B 181 17.86 10.19 0.09
CA ALA B 181 19.26 9.91 0.40
C ALA B 181 19.76 8.62 -0.26
N SER B 182 18.87 7.64 -0.36
CA SER B 182 19.12 6.37 -1.06
C SER B 182 17.83 5.93 -1.73
N LEU B 183 17.93 5.08 -2.75
CA LEU B 183 16.78 4.76 -3.60
C LEU B 183 16.59 3.27 -3.87
N GLY B 184 17.33 2.44 -3.14
CA GLY B 184 17.31 1.00 -3.34
C GLY B 184 15.94 0.41 -3.10
N HIS B 185 15.18 1.04 -2.21
CA HIS B 185 13.80 0.64 -1.89
C HIS B 185 12.78 0.87 -3.00
N LYS B 186 13.21 1.47 -4.11
CA LYS B 186 12.32 1.65 -5.26
C LYS B 186 12.39 0.56 -6.34
N ALA B 187 13.34 -0.38 -6.23
CA ALA B 187 13.46 -1.44 -7.21
C ALA B 187 12.35 -2.47 -7.00
N ASN B 188 11.67 -2.79 -8.09
CA ASN B 188 10.55 -3.74 -8.03
C ASN B 188 11.03 -5.17 -8.20
N HIS B 189 10.12 -6.12 -8.05
CA HIS B 189 10.42 -7.54 -8.21
C HIS B 189 10.29 -8.00 -9.64
N SER B 190 11.18 -8.90 -10.06
CA SER B 190 10.96 -9.73 -11.24
C SER B 190 11.53 -11.14 -11.03
N PHE B 191 10.90 -12.12 -11.66
CA PHE B 191 11.42 -13.49 -11.67
C PHE B 191 12.56 -13.69 -12.67
N THR B 192 12.72 -12.73 -13.58
CA THR B 192 13.89 -12.64 -14.46
C THR B 192 14.66 -11.34 -14.15
N PRO B 193 15.21 -11.23 -12.93
CA PRO B 193 15.79 -9.96 -12.53
C PRO B 193 17.12 -9.66 -13.21
N ASN B 194 17.45 -8.37 -13.29
CA ASN B 194 18.76 -7.98 -13.78
C ASN B 194 19.72 -7.54 -12.66
N CYS B 195 19.25 -7.56 -11.40
CA CYS B 195 20.03 -7.16 -10.24
C CYS B 195 19.85 -8.10 -9.05
N ILE B 196 20.76 -7.99 -8.09
CA ILE B 196 20.63 -8.63 -6.79
C ILE B 196 20.86 -7.63 -5.66
N TYR B 197 20.39 -7.99 -4.47
CA TYR B 197 20.80 -7.29 -3.25
C TYR B 197 22.13 -7.87 -2.78
N ASP B 198 23.06 -6.99 -2.42
CA ASP B 198 24.39 -7.42 -1.98
C ASP B 198 24.84 -6.55 -0.80
N MET B 199 25.76 -7.08 0.01
CA MET B 199 26.27 -6.34 1.17
C MET B 199 27.07 -5.13 0.70
N PHE B 200 27.05 -4.08 1.49
CA PHE B 200 27.82 -2.88 1.17
C PHE B 200 28.17 -2.11 2.43
N VAL B 201 29.42 -1.65 2.52
CA VAL B 201 29.86 -0.83 3.65
C VAL B 201 29.95 0.63 3.19
N HIS B 202 28.97 1.44 3.58
CA HIS B 202 28.82 2.82 3.08
C HIS B 202 29.43 3.81 4.09
N PRO B 203 30.23 4.77 3.62
CA PRO B 203 30.86 5.73 4.55
C PRO B 203 29.86 6.65 5.26
N ARG B 204 28.67 6.82 4.69
CA ARG B 204 27.59 7.60 5.31
C ARG B 204 26.62 6.69 6.07
N PHE B 205 26.13 5.65 5.40
CA PHE B 205 25.03 4.81 5.93
C PHE B 205 25.49 3.67 6.81
N GLY B 206 26.78 3.34 6.75
CA GLY B 206 27.30 2.19 7.48
C GLY B 206 26.97 0.89 6.76
N PRO B 207 26.91 -0.22 7.51
CA PRO B 207 26.63 -1.54 6.92
C PRO B 207 25.19 -1.63 6.45
N ILE B 208 25.01 -1.65 5.13
CA ILE B 208 23.69 -1.72 4.52
C ILE B 208 23.68 -2.76 3.39
N LYS B 209 22.65 -2.73 2.56
CA LYS B 209 22.68 -3.47 1.31
C LYS B 209 22.67 -2.53 0.13
N CYS B 210 23.11 -3.04 -1.01
CA CYS B 210 23.11 -2.31 -2.26
C CYS B 210 22.44 -3.14 -3.33
N ILE B 211 22.15 -2.48 -4.45
CA ILE B 211 21.63 -3.13 -5.64
C ILE B 211 22.80 -3.23 -6.63
N ARG B 212 23.11 -4.46 -7.01
CA ARG B 212 24.21 -4.76 -7.89
C ARG B 212 23.70 -5.51 -9.11
N THR B 213 24.12 -5.09 -10.31
CA THR B 213 23.65 -5.73 -11.54
C THR B 213 24.20 -7.17 -11.69
N LEU B 214 23.39 -8.05 -12.27
CA LEU B 214 23.77 -9.45 -12.53
C LEU B 214 24.38 -9.62 -13.90
N ARG B 215 23.95 -8.74 -14.80
CA ARG B 215 24.35 -8.76 -16.20
CA ARG B 215 24.41 -8.76 -16.18
C ARG B 215 24.50 -7.33 -16.68
N ALA B 216 24.92 -7.13 -17.93
CA ALA B 216 24.96 -5.80 -18.51
C ALA B 216 23.55 -5.21 -18.48
N VAL B 217 23.47 -3.91 -18.22
CA VAL B 217 22.20 -3.20 -18.19
C VAL B 217 22.32 -1.95 -19.06
N GLU B 218 21.24 -1.59 -19.73
CA GLU B 218 21.25 -0.44 -20.66
C GLU B 218 20.61 0.81 -20.04
N ALA B 219 20.95 1.96 -20.61
CA ALA B 219 20.31 3.22 -20.21
C ALA B 219 18.79 3.08 -20.27
N ASP B 220 18.12 3.60 -19.25
CA ASP B 220 16.66 3.60 -19.13
C ASP B 220 16.03 2.22 -18.89
N GLU B 221 16.86 1.19 -18.78
CA GLU B 221 16.36 -0.14 -18.42
C GLU B 221 15.94 -0.15 -16.95
N GLU B 222 14.77 -0.71 -16.69
CA GLU B 222 14.29 -0.85 -15.31
C GLU B 222 15.14 -1.87 -14.57
N LEU B 223 15.45 -1.56 -13.32
CA LEU B 223 16.25 -2.42 -12.46
C LEU B 223 15.29 -3.22 -11.58
N THR B 224 15.50 -4.52 -11.55
CA THR B 224 14.63 -5.44 -10.81
C THR B 224 15.43 -6.48 -10.04
N VAL B 225 14.87 -6.92 -8.92
CA VAL B 225 15.49 -7.92 -8.07
C VAL B 225 14.46 -9.00 -7.75
N ALA B 226 14.90 -10.24 -7.59
CA ALA B 226 14.01 -11.30 -7.10
C ALA B 226 13.83 -11.17 -5.60
N TYR B 227 12.61 -10.81 -5.16
CA TYR B 227 12.29 -10.70 -3.74
C TYR B 227 12.34 -12.07 -3.07
N GLY B 228 12.40 -12.07 -1.74
CA GLY B 228 12.48 -13.30 -0.96
C GLY B 228 11.27 -13.51 -0.08
N TYR B 229 10.39 -14.42 -0.50
CA TYR B 229 9.18 -14.74 0.24
C TYR B 229 9.11 -16.21 0.69
N ASP B 230 10.27 -16.86 0.82
CA ASP B 230 10.35 -18.22 1.36
C ASP B 230 9.78 -18.32 2.76
N HIS B 231 9.98 -17.28 3.56
CA HIS B 231 9.58 -17.28 4.96
C HIS B 231 8.26 -16.54 5.25
N SER B 232 7.47 -16.32 4.20
CA SER B 232 6.10 -15.82 4.32
C SER B 232 5.25 -16.70 5.25
N PRO B 233 4.26 -16.11 5.94
CA PRO B 233 3.43 -16.90 6.85
C PRO B 233 2.81 -18.11 6.13
N PRO B 234 2.93 -19.31 6.72
CA PRO B 234 2.40 -20.52 6.08
C PRO B 234 0.89 -20.45 5.91
N GLY B 235 0.42 -20.80 4.71
CA GLY B 235 -1.00 -20.95 4.42
C GLY B 235 -1.28 -22.35 3.90
N LYS B 236 -2.49 -22.55 3.38
CA LYS B 236 -2.92 -23.85 2.86
CA LYS B 236 -2.88 -23.87 2.87
C LYS B 236 -2.08 -24.27 1.64
N SER B 237 -1.60 -23.28 0.89
CA SER B 237 -0.79 -23.51 -0.31
C SER B 237 0.71 -23.31 -0.04
N GLY B 238 1.13 -23.46 1.21
CA GLY B 238 2.52 -23.21 1.59
C GLY B 238 2.72 -21.76 1.98
N PRO B 239 3.99 -21.28 2.01
CA PRO B 239 4.21 -19.89 2.42
C PRO B 239 3.46 -18.93 1.51
N GLU B 240 2.65 -18.06 2.09
CA GLU B 240 1.75 -17.22 1.30
C GLU B 240 2.34 -15.82 1.06
N ALA B 241 2.77 -15.60 -0.19
CA ALA B 241 3.34 -14.35 -0.61
C ALA B 241 2.23 -13.42 -1.10
N PRO B 242 2.52 -12.12 -1.30
CA PRO B 242 1.53 -11.19 -1.82
C PRO B 242 0.86 -11.64 -3.11
N GLU B 243 -0.37 -11.19 -3.30
CA GLU B 243 -1.16 -11.51 -4.49
C GLU B 243 -0.43 -11.21 -5.78
N TRP B 244 0.12 -10.00 -5.89
CA TRP B 244 0.84 -9.59 -7.09
C TRP B 244 1.99 -10.55 -7.42
N TYR B 245 2.59 -11.12 -6.38
CA TYR B 245 3.71 -12.06 -6.51
C TYR B 245 3.23 -13.44 -7.00
N GLN B 246 2.12 -13.91 -6.45
CA GLN B 246 1.47 -15.15 -6.89
C GLN B 246 1.04 -15.10 -8.36
N VAL B 247 0.40 -13.99 -8.75
CA VAL B 247 -0.07 -13.78 -10.12
C VAL B 247 1.09 -13.73 -11.10
N GLU B 248 2.15 -13.03 -10.72
CA GLU B 248 3.33 -12.92 -11.56
C GLU B 248 4.05 -14.26 -11.71
N LEU B 249 3.99 -15.08 -10.67
CA LEU B 249 4.60 -16.41 -10.68
C LEU B 249 3.93 -17.34 -11.70
N LYS B 250 2.60 -17.31 -11.77
CA LYS B 250 1.85 -18.08 -12.75
C LYS B 250 2.16 -17.61 -14.18
N ALA B 251 2.25 -16.29 -14.37
CA ALA B 251 2.55 -15.69 -15.67
C ALA B 251 3.94 -16.11 -16.15
N PHE B 252 4.89 -16.16 -15.23
CA PHE B 252 6.26 -16.55 -15.53
C PHE B 252 6.38 -18.06 -15.84
N GLN B 253 5.64 -18.88 -15.10
CA GLN B 253 5.64 -20.33 -15.32
C GLN B 253 5.04 -20.71 -16.67
N ALA B 254 4.09 -19.91 -17.15
CA ALA B 254 3.45 -20.09 -18.45
C ALA B 254 4.41 -19.91 -19.63
N THR B 255 5.56 -19.29 -19.38
CA THR B 255 6.62 -19.17 -20.40
C THR B 255 7.56 -20.37 -20.36
N SAM C . -7.50 1.20 -4.94
CA SAM C . -7.87 0.48 -3.73
C SAM C . -7.51 -1.01 -3.79
O SAM C . -6.93 -1.49 -4.75
OXT SAM C . -7.77 -1.77 -2.84
CB SAM C . -9.36 0.68 -3.47
CG SAM C . -9.68 1.99 -2.74
SD SAM C . -9.10 1.96 -1.02
CE SAM C . -10.58 2.59 -0.17
C5' SAM C . -8.13 3.49 -0.90
C4' SAM C . -6.72 3.40 -1.49
O4' SAM C . -6.80 3.37 -2.90
C3' SAM C . -5.86 4.62 -1.20
O3' SAM C . -5.12 4.48 -0.01
C2' SAM C . -4.93 4.66 -2.39
O2' SAM C . -3.93 3.68 -2.20
C1' SAM C . -5.83 4.19 -3.50
N9 SAM C . -6.48 5.28 -4.24
C8 SAM C . -7.80 5.67 -4.15
N7 SAM C . -8.01 6.69 -5.01
C5 SAM C . -6.84 6.99 -5.65
C6 SAM C . -6.48 7.93 -6.61
N6 SAM C . -7.35 8.80 -7.12
N1 SAM C . -5.17 7.94 -7.07
C2 SAM C . -4.24 7.06 -6.59
N3 SAM C . -4.59 6.13 -5.63
C4 SAM C . -5.89 6.08 -5.18
FAE 1L8 D . -7.90 12.81 7.28
CBG 1L8 D . -7.79 11.80 8.21
FAF 1L8 D . -8.57 12.05 9.19
FAG 1L8 D . -6.61 11.82 8.61
CBB 1L8 D . -8.07 10.50 7.65
CD2 1L8 D . -8.79 10.37 6.46
CAJ 1L8 D . -7.63 9.33 8.29
CAH 1L8 D . -7.89 8.07 7.73
CD1 1L8 D . -8.61 7.97 6.54
CG 1L8 D . -9.06 9.11 5.90
CB 1L8 D . -9.77 9.02 4.69
CA 1L8 D . -11.30 8.90 4.88
C 1L8 D . -11.98 8.56 3.54
O 1L8 D . -12.59 9.44 2.93
NBF 1L8 D . -11.89 7.29 3.11
CAR 1L8 D . -11.17 6.15 3.75
CAN 1L8 D . -11.65 4.92 3.05
CAO 1L8 D . -12.06 5.38 1.66
CAS 1L8 D . -12.51 6.83 1.84
N 1L8 D . -11.89 10.16 5.38
SBH 1L8 D . -12.91 9.93 6.63
OAB 1L8 D . -13.82 8.70 6.39
OAC 1L8 D . -13.80 11.18 6.74
CBC 1L8 D . -12.07 9.72 8.17
CAM 1L8 D . -11.94 10.77 9.09
CBA 1L8 D . -11.26 10.59 10.30
CAQ 1L8 D . -11.16 11.69 11.18
CAP 1L8 D . -9.98 11.51 12.12
NAV 1L8 D . -10.06 10.19 12.79
CAT 1L8 D . -9.98 9.10 11.79
CBD 1L8 D . -10.69 9.35 10.59
CAZ 1L8 D . -10.82 8.30 9.67
FAD 1L8 D . -10.32 7.14 9.91
CAL 1L8 D . -11.50 8.48 8.47
UNK UNX E . -36.95 2.09 -1.87
UNK UNX F . -49.61 -4.04 17.40
UNK UNX G . -55.58 -1.79 -1.73
UNK UNX H . -0.44 0.68 -8.14
UNK UNX I . -18.57 10.22 10.10
UNK UNX J . 0.79 8.22 -1.34
UNK UNX K . -40.25 -5.97 15.52
UNK UNX L . -21.89 11.61 13.24
UNK UNX M . -18.68 9.69 4.63
UNK UNX N . -49.43 -10.72 -3.19
UNK UNX O . -19.89 -7.13 -15.97
UNK UNX P . -25.14 3.86 9.66
UNK UNX Q . -3.87 -12.35 -0.15
UNK UNX R . -30.20 -4.07 -12.27
UNK UNX S . -49.32 -7.31 9.74
UNK UNX T . -6.00 -15.18 5.72
UNK UNX U . -8.44 -14.37 5.72
N SAM V . 6.86 -0.03 -6.23
CA SAM V . 7.44 0.43 -4.99
C SAM V . 7.14 1.92 -4.76
O SAM V . 6.52 2.58 -5.59
OXT SAM V . 7.45 2.47 -3.70
CB SAM V . 8.94 0.16 -4.92
CG SAM V . 9.30 -1.26 -4.49
SD SAM V . 8.96 -1.53 -2.74
CE SAM V . 10.49 -2.32 -2.18
C5' SAM V . 7.95 -3.04 -2.72
C4' SAM V . 6.50 -2.88 -3.14
O4' SAM V . 6.44 -2.65 -4.53
C3' SAM V . 5.71 -4.17 -2.92
O3' SAM V . 5.15 -4.28 -1.63
C2' SAM V . 4.65 -4.04 -3.99
O2' SAM V . 3.62 -3.18 -3.55
C1' SAM V . 5.39 -3.35 -5.14
N9 SAM V . 5.94 -4.29 -6.15
C8 SAM V . 7.25 -4.66 -6.28
N7 SAM V . 7.36 -5.51 -7.32
C5 SAM V . 6.14 -5.72 -7.85
C6 SAM V . 5.69 -6.50 -8.92
N6 SAM V . 6.51 -7.24 -9.65
N1 SAM V . 4.35 -6.49 -9.25
C2 SAM V . 3.46 -5.72 -8.51
N3 SAM V . 3.91 -4.96 -7.45
C4 SAM V . 5.22 -4.95 -7.13
FAE 1L8 W . 8.69 -13.50 3.77
CBG 1L8 W . 8.58 -12.69 4.75
FAF 1L8 W . 9.39 -13.08 5.71
FAG 1L8 W . 7.40 -12.79 5.17
CBB 1L8 W . 8.86 -11.35 4.36
CD2 1L8 W . 9.39 -11.03 3.10
CAJ 1L8 W . 8.57 -10.32 5.25
CAH 1L8 W . 8.81 -8.98 4.89
CD1 1L8 W . 9.34 -8.69 3.63
CG 1L8 W . 9.64 -9.71 2.73
CB 1L8 W . 10.17 -9.38 1.46
CA 1L8 W . 11.72 -9.23 1.49
C 1L8 W . 12.26 -8.66 0.17
O 1L8 W . 12.82 -9.39 -0.65
NBF 1L8 W . 12.11 -7.35 -0.05
CAR 1L8 W . 11.47 -6.33 0.82
CAN 1L8 W . 12.02 -5.01 0.36
CAO 1L8 W . 12.17 -5.21 -1.15
CAS 1L8 W . 12.58 -6.67 -1.30
N 1L8 W . 12.31 -10.55 1.70
SBH 1L8 W . 13.52 -10.59 2.79
OAB 1L8 W . 14.40 -9.34 2.64
OAC 1L8 W . 14.33 -11.84 2.49
CBC 1L8 W . 12.89 -10.67 4.44
CAM 1L8 W . 12.87 -11.89 5.15
CBA 1L8 W . 12.38 -11.94 6.44
CAQ 1L8 W . 12.38 -13.19 7.11
CAP 1L8 W . 11.36 -13.22 8.24
NAV 1L8 W . 11.50 -12.02 9.11
CAT 1L8 W . 11.39 -10.75 8.37
CBD 1L8 W . 11.90 -10.76 7.06
CAZ 1L8 W . 11.94 -9.55 6.35
FAD 1L8 W . 11.47 -8.34 6.92
CAL 1L8 W . 12.43 -9.51 5.04
UNK UNX X . 32.63 -6.30 -5.42
UNK UNX Y . 26.39 -4.74 5.05
UNK UNX Z . -0.76 -6.16 -2.93
UNK UNX AA . 11.00 4.40 -18.65
UNK UNX BA . 15.27 5.98 21.93
UNK UNX CA . 2.87 1.12 -15.56
UNK UNX DA . 13.76 -14.22 13.70
UNK UNX EA . 24.31 -10.90 0.69
#